data_3LJN
#
_entry.id   3LJN
#
_cell.length_a   57.293
_cell.length_b   85.656
_cell.length_c   76.814
_cell.angle_alpha   90.000
_cell.angle_beta   90.000
_cell.angle_gamma   90.000
#
_symmetry.space_group_name_H-M   'P 21 21 2'
#
_entity_poly.entity_id   1
_entity_poly.type   'polypeptide(L)'
_entity_poly.pdbx_seq_one_letter_code
;GPGS(MSE)TDFPKLNRIKSDDEN(MSE)EKIHVAARKGQTDEVRRLIETGVSPTIQNRFGCTALHLACKFGCVDTAKYL
ASVGEVHSLWHGQKPIHLAV(MSE)ANKTDLVVALVEGAKERGQ(MSE)PESLLNECDEREVNEIGSHVKHCKGQTALHW
CVGLGPEYLE(MSE)IKILVQLGASPTAKDKADETPL(MSE)RA(MSE)EFRNREALDL(MSE)(MSE)DTVPSKSSLRL
DYANKQGNSHLHWAILINWEDVA(MSE)RFVE(MSE)GIDVN(MSE)EDNEHTVPLYLSVRAA(MSE)VLLTKELLQKTD
VFLIQACPYHNGTTVLPDRVVWLDFVPAAADPSKQEVLQLLQEKLDEVVRSLNTGAGGAVKRKKKAAPAVKR(MSE)KLA
PSAPVRTRSRSRARSSAVSK
;
_entity_poly.pdbx_strand_id   A
#
# COMPACT_ATOMS: atom_id res chain seq x y z
N SER A 16 -24.38 8.23 35.77
CA SER A 16 -23.84 7.04 36.47
C SER A 16 -22.53 6.57 35.79
N ASP A 17 -22.63 5.56 34.92
CA ASP A 17 -21.51 5.20 34.04
C ASP A 17 -21.31 6.34 33.02
N ASP A 18 -22.41 6.88 32.52
CA ASP A 18 -22.39 7.92 31.47
C ASP A 18 -21.93 9.27 32.00
N GLU A 19 -22.08 9.48 33.31
CA GLU A 19 -21.58 10.67 33.97
C GLU A 19 -20.06 10.63 34.11
N ASN A 20 -19.49 9.45 34.01
CA ASN A 20 -18.03 9.28 34.08
C ASN A 20 -17.36 9.37 32.73
N GLU A 22 -18.30 11.09 30.40
CA GLU A 22 -18.36 12.50 30.06
C GLU A 22 -17.13 13.23 30.53
N LYS A 23 -16.70 12.90 31.75
CA LYS A 23 -15.52 13.55 32.33
C LYS A 23 -14.23 13.17 31.60
N ILE A 24 -14.09 11.91 31.28
CA ILE A 24 -12.84 11.41 30.73
C ILE A 24 -12.62 11.90 29.28
N HIS A 25 -13.68 11.91 28.49
CA HIS A 25 -13.66 12.48 27.13
C HIS A 25 -13.32 13.98 27.12
N VAL A 26 -13.89 14.73 28.07
CA VAL A 26 -13.60 16.15 28.19
C VAL A 26 -12.12 16.38 28.44
N ALA A 27 -11.59 15.60 29.37
CA ALA A 27 -10.21 15.73 29.80
C ALA A 27 -9.28 15.35 28.65
N ALA A 28 -9.63 14.28 27.95
CA ALA A 28 -8.87 13.86 26.77
C ALA A 28 -8.83 15.00 25.75
N ARG A 29 -9.99 15.58 25.49
CA ARG A 29 -10.06 16.67 24.55
C ARG A 29 -9.14 17.84 24.91
N LYS A 30 -9.02 18.13 26.22
CA LYS A 30 -8.24 19.29 26.68
C LYS A 30 -6.76 19.01 26.99
N GLY A 31 -6.31 17.78 26.76
CA GLY A 31 -4.92 17.41 27.05
C GLY A 31 -4.64 17.44 28.54
N GLN A 32 -5.61 16.92 29.31
CA GLN A 32 -5.53 16.87 30.75
C GLN A 32 -5.11 15.46 31.19
N THR A 33 -3.83 15.14 31.02
CA THR A 33 -3.31 13.79 31.31
C THR A 33 -3.41 13.46 32.77
N ASP A 34 -2.99 14.43 33.58
CA ASP A 34 -3.23 14.44 35.03
C ASP A 34 -4.62 13.88 35.30
N GLU A 35 -5.63 14.55 34.76
CA GLU A 35 -7.03 14.32 35.12
C GLU A 35 -7.57 13.01 34.59
N VAL A 36 -7.06 12.58 33.42
CA VAL A 36 -7.38 11.28 32.81
C VAL A 36 -6.77 10.11 33.57
N ARG A 37 -5.51 10.24 33.97
CA ARG A 37 -4.83 9.26 34.81
C ARG A 37 -5.63 9.04 36.08
N ARG A 38 -6.04 10.16 36.68
CA ARG A 38 -6.80 10.17 37.90
C ARG A 38 -8.10 9.39 37.74
N LEU A 39 -8.82 9.61 36.65
CA LEU A 39 -10.07 8.91 36.42
C LEU A 39 -9.84 7.40 36.26
N ILE A 40 -8.76 7.04 35.55
CA ILE A 40 -8.43 5.64 35.27
C ILE A 40 -7.88 4.90 36.50
N GLU A 41 -7.03 5.55 37.29
CA GLU A 41 -6.62 4.98 38.56
C GLU A 41 -7.83 4.68 39.44
N THR A 42 -8.79 5.59 39.49
CA THR A 42 -10.01 5.35 40.25
C THR A 42 -11.05 4.44 39.55
N GLY A 43 -10.70 3.89 38.38
CA GLY A 43 -11.45 2.77 37.82
C GLY A 43 -12.48 3.07 36.74
N VAL A 44 -12.40 4.22 36.10
CA VAL A 44 -13.14 4.47 34.86
C VAL A 44 -12.43 3.72 33.74
N SER A 45 -13.10 2.80 33.05
CA SER A 45 -12.42 2.06 31.99
C SER A 45 -11.97 3.00 30.85
N PRO A 46 -10.71 2.90 30.40
CA PRO A 46 -10.17 3.81 29.40
C PRO A 46 -10.93 3.87 28.09
N THR A 47 -11.39 2.71 27.62
CA THR A 47 -11.96 2.57 26.28
C THR A 47 -13.49 2.77 26.25
N ILE A 48 -14.01 3.60 27.15
CA ILE A 48 -15.44 3.75 27.34
C ILE A 48 -16.03 4.68 26.25
N GLN A 49 -17.11 4.24 25.61
CA GLN A 49 -17.56 4.87 24.36
C GLN A 49 -18.84 5.67 24.52
N ASN A 50 -19.05 6.57 23.56
CA ASN A 50 -20.26 7.37 23.48
C ASN A 50 -21.03 6.79 22.33
N ARG A 51 -22.29 7.19 22.13
CA ARG A 51 -23.15 6.49 21.17
C ARG A 51 -22.57 6.30 19.76
N PHE A 52 -21.56 7.09 19.37
CA PHE A 52 -20.89 7.00 18.07
C PHE A 52 -19.58 6.18 18.10
N GLY A 53 -19.35 5.45 19.17
CA GLY A 53 -18.11 4.71 19.32
C GLY A 53 -16.86 5.55 19.48
N CYS A 54 -17.01 6.81 19.87
CA CYS A 54 -15.84 7.65 20.15
C CYS A 54 -15.32 7.35 21.56
N THR A 55 -13.99 7.37 21.69
CA THR A 55 -13.33 7.13 22.97
C THR A 55 -12.31 8.20 23.21
N ALA A 56 -11.76 8.22 24.42
CA ALA A 56 -10.79 9.23 24.81
C ALA A 56 -9.66 9.30 23.82
N LEU A 57 -9.17 8.15 23.39
CA LEU A 57 -8.00 8.14 22.53
C LEU A 57 -8.30 8.75 21.15
N HIS A 58 -9.44 8.39 20.56
CA HIS A 58 -9.87 9.02 19.34
C HIS A 58 -9.74 10.53 19.47
N LEU A 59 -10.25 11.05 20.59
CA LEU A 59 -10.31 12.51 20.85
C LEU A 59 -8.95 13.13 21.10
N ALA A 60 -8.08 12.41 21.80
CA ALA A 60 -6.71 12.84 21.99
C ALA A 60 -6.04 12.99 20.63
N CYS A 61 -6.22 12.00 19.76
CA CYS A 61 -5.58 12.03 18.45
C CYS A 61 -6.12 13.10 17.53
N LYS A 62 -7.39 13.43 17.65
CA LYS A 62 -7.97 14.47 16.84
C LYS A 62 -7.43 15.82 17.26
N PHE A 63 -7.18 15.98 18.56
CA PHE A 63 -6.90 17.30 19.12
C PHE A 63 -5.43 17.60 19.47
N GLY A 64 -4.49 16.75 19.08
CA GLY A 64 -3.08 17.00 19.38
C GLY A 64 -2.76 16.13 20.58
N CYS A 65 -2.63 16.72 21.76
CA CYS A 65 -2.54 15.96 23.03
C CYS A 65 -1.56 14.79 23.02
N VAL A 66 -0.31 15.09 22.65
CA VAL A 66 0.73 14.07 22.50
C VAL A 66 0.88 13.20 23.76
N ASP A 67 0.95 13.84 24.92
CA ASP A 67 1.24 13.16 26.19
C ASP A 67 0.04 12.33 26.70
N THR A 68 -1.16 12.90 26.64
CA THR A 68 -2.40 12.17 26.90
C THR A 68 -2.54 10.96 25.97
N ALA A 69 -2.18 11.13 24.69
CA ALA A 69 -2.27 10.04 23.72
C ALA A 69 -1.29 8.94 24.07
N LYS A 70 -0.04 9.33 24.29
CA LYS A 70 0.99 8.41 24.75
C LYS A 70 0.50 7.59 25.94
N TYR A 71 -0.07 8.27 26.92
CA TYR A 71 -0.60 7.56 28.06
C TYR A 71 -1.74 6.61 27.68
N LEU A 72 -2.82 7.12 27.12
CA LEU A 72 -3.99 6.27 26.81
C LEU A 72 -3.65 5.08 25.90
N ALA A 73 -2.70 5.26 24.98
CA ALA A 73 -2.25 4.19 24.10
C ALA A 73 -1.62 3.03 24.90
N SER A 74 -1.06 3.35 26.06
CA SER A 74 -0.40 2.35 26.89
C SER A 74 -1.38 1.56 27.77
N VAL A 75 -2.60 2.06 27.94
CA VAL A 75 -3.53 1.47 28.91
C VAL A 75 -4.64 0.66 28.27
N GLY A 76 -4.96 0.95 27.01
CA GLY A 76 -6.11 0.33 26.34
C GLY A 76 -6.10 0.34 24.83
N GLU A 77 -6.25 -0.86 24.26
CA GLU A 77 -6.50 -1.03 22.83
C GLU A 77 -7.95 -0.63 22.53
N VAL A 78 -8.13 0.38 21.68
CA VAL A 78 -9.46 0.81 21.23
C VAL A 78 -10.03 -0.19 20.23
N HIS A 79 -11.18 -0.79 20.55
CA HIS A 79 -11.87 -1.75 19.67
C HIS A 79 -13.16 -1.23 19.07
N SER A 80 -13.23 0.07 18.85
CA SER A 80 -14.40 0.65 18.24
C SER A 80 -13.95 1.63 17.19
N LEU A 81 -14.87 1.97 16.31
CA LEU A 81 -14.59 2.84 15.19
C LEU A 81 -15.44 4.09 15.33
N TRP A 82 -14.89 5.23 14.93
CA TRP A 82 -15.63 6.48 14.99
C TRP A 82 -15.69 7.04 13.59
N HIS A 83 -16.90 7.16 13.05
CA HIS A 83 -17.08 7.43 11.64
C HIS A 83 -16.14 6.51 10.86
N GLY A 84 -16.08 5.24 11.27
CA GLY A 84 -15.30 4.24 10.56
C GLY A 84 -13.81 4.24 10.83
N GLN A 85 -13.36 5.02 11.79
CA GLN A 85 -11.92 5.18 11.98
C GLN A 85 -11.42 4.84 13.37
N LYS A 86 -10.16 4.46 13.41
CA LYS A 86 -9.46 4.08 14.61
C LYS A 86 -8.48 5.20 14.90
N PRO A 87 -8.08 5.40 16.18
CA PRO A 87 -7.25 6.55 16.56
C PRO A 87 -5.95 6.79 15.78
N ILE A 88 -5.33 5.74 15.25
CA ILE A 88 -4.19 5.94 14.37
C ILE A 88 -4.59 6.71 13.11
N HIS A 89 -5.72 6.36 12.51
CA HIS A 89 -6.13 6.95 11.25
C HIS A 89 -6.34 8.44 11.39
N LEU A 90 -6.90 8.85 12.53
CA LEU A 90 -7.17 10.28 12.78
C LEU A 90 -5.90 11.05 13.06
N ALA A 91 -4.92 10.38 13.65
CA ALA A 91 -3.63 11.00 13.93
C ALA A 91 -2.90 11.33 12.62
N VAL A 92 -3.10 10.49 11.61
CA VAL A 92 -2.37 10.61 10.37
C VAL A 92 -2.91 11.75 9.56
N ALA A 94 -4.40 14.29 10.69
CA ALA A 94 -4.00 15.51 11.38
C ALA A 94 -2.60 15.98 10.96
N ASN A 95 -1.77 15.08 10.44
CA ASN A 95 -0.46 15.43 9.89
C ASN A 95 0.50 16.10 10.89
N LYS A 96 0.36 15.76 12.17
CA LYS A 96 1.35 16.14 13.18
C LYS A 96 2.09 14.87 13.60
N THR A 97 3.38 14.84 13.29
CA THR A 97 4.16 13.60 13.31
C THR A 97 4.50 13.10 14.72
N ASP A 98 4.72 14.03 15.66
CA ASP A 98 5.08 13.63 17.02
C ASP A 98 3.98 12.81 17.68
N LEU A 99 2.74 13.14 17.36
CA LEU A 99 1.58 12.41 17.90
C LEU A 99 1.51 10.96 17.43
N VAL A 100 2.04 10.70 16.24
CA VAL A 100 2.06 9.35 15.71
C VAL A 100 3.15 8.53 16.39
N VAL A 101 4.28 9.16 16.70
CA VAL A 101 5.33 8.44 17.45
C VAL A 101 4.81 8.13 18.87
N ALA A 102 4.28 9.16 19.53
CA ALA A 102 3.62 9.03 20.84
C ALA A 102 2.74 7.80 20.87
N LEU A 103 1.79 7.76 19.94
CA LEU A 103 0.80 6.69 19.82
C LEU A 103 1.47 5.33 19.74
N VAL A 104 2.55 5.26 18.98
CA VAL A 104 3.27 4.01 18.76
C VAL A 104 4.00 3.54 20.00
N GLU A 105 4.68 4.47 20.68
CA GLU A 105 5.43 4.18 21.92
C GLU A 105 4.47 3.85 23.07
N GLY A 106 3.32 4.51 23.12
CA GLY A 106 2.26 4.10 24.03
C GLY A 106 1.94 2.62 23.83
N ALA A 107 1.71 2.22 22.59
CA ALA A 107 1.31 0.85 22.26
C ALA A 107 2.44 -0.16 22.43
N LYS A 108 3.68 0.26 22.18
CA LYS A 108 4.85 -0.58 22.43
C LYS A 108 4.92 -1.01 23.90
N GLU A 109 4.83 -0.06 24.83
CA GLU A 109 4.80 -0.37 26.27
C GLU A 109 3.79 -1.45 26.60
N ARG A 110 2.64 -1.37 25.94
CA ARG A 110 1.51 -2.26 26.18
C ARG A 110 1.67 -3.67 25.60
N GLY A 111 2.59 -3.85 24.64
CA GLY A 111 2.87 -5.18 24.10
C GLY A 111 2.55 -5.38 22.62
N GLN A 112 1.71 -4.52 22.05
CA GLN A 112 1.39 -4.58 20.63
C GLN A 112 2.46 -3.89 19.79
N PRO A 114 4.39 -2.22 16.35
CA PRO A 114 3.97 -1.15 15.45
C PRO A 114 3.37 -1.65 14.15
N GLU A 115 3.91 -2.74 13.61
CA GLU A 115 3.37 -3.33 12.39
C GLU A 115 1.90 -3.62 12.60
N SER A 116 1.60 -4.43 13.62
CA SER A 116 0.20 -4.74 13.95
C SER A 116 -0.65 -3.47 14.01
N LEU A 117 -0.19 -2.47 14.75
CA LEU A 117 -0.93 -1.23 14.94
C LEU A 117 -1.02 -0.38 13.67
N LEU A 118 0.13 -0.07 13.08
CA LEU A 118 0.17 0.85 11.94
C LEU A 118 -0.47 0.31 10.65
N ASN A 119 -0.71 -0.98 10.55
CA ASN A 119 -1.28 -1.54 9.33
C ASN A 119 -2.77 -1.87 9.43
N GLU A 120 -3.43 -1.35 10.46
CA GLU A 120 -4.89 -1.49 10.63
C GLU A 120 -5.64 -0.87 9.46
N CYS A 121 -6.79 -1.45 9.14
CA CYS A 121 -7.63 -0.95 8.06
C CYS A 121 -8.89 -0.27 8.61
N ASP A 122 -9.24 0.90 8.05
CA ASP A 122 -10.49 1.55 8.43
C ASP A 122 -11.65 0.85 7.73
N GLU A 123 -12.87 1.28 8.03
CA GLU A 123 -14.04 0.70 7.41
C GLU A 123 -14.89 1.86 6.90
N ARG A 124 -14.29 2.66 6.03
CA ARG A 124 -14.85 3.93 5.58
C ARG A 124 -15.02 3.95 4.05
N GLU A 125 -16.27 3.85 3.57
CA GLU A 125 -16.55 3.88 2.13
C GLU A 125 -16.33 5.27 1.52
N VAL A 126 -15.71 5.33 0.35
CA VAL A 126 -15.32 6.62 -0.24
C VAL A 126 -15.51 6.64 -1.78
N ASN A 127 -15.56 7.83 -2.36
CA ASN A 127 -15.70 7.97 -3.82
C ASN A 127 -14.88 9.12 -4.37
N GLU A 128 -13.73 9.35 -3.76
CA GLU A 128 -12.90 10.52 -4.03
C GLU A 128 -11.92 10.62 -2.88
N ILE A 129 -10.65 10.35 -3.18
CA ILE A 129 -9.62 10.25 -2.17
C ILE A 129 -8.71 11.45 -2.34
N GLY A 130 -9.05 12.53 -1.63
CA GLY A 130 -8.34 13.79 -1.75
C GLY A 130 -8.63 14.45 -3.08
N SER A 131 -7.75 14.24 -4.05
CA SER A 131 -7.82 14.91 -5.34
C SER A 131 -8.23 13.97 -6.48
N HIS A 132 -8.38 12.69 -6.16
CA HIS A 132 -8.62 11.66 -7.16
C HIS A 132 -10.01 11.07 -7.00
N VAL A 133 -10.39 10.19 -7.91
CA VAL A 133 -11.76 9.66 -7.97
C VAL A 133 -11.72 8.14 -7.88
N LYS A 134 -11.57 7.63 -6.66
CA LYS A 134 -11.52 6.20 -6.41
C LYS A 134 -12.57 5.75 -5.40
N HIS A 135 -13.25 4.65 -5.71
CA HIS A 135 -14.15 4.01 -4.76
C HIS A 135 -13.36 3.03 -3.89
N CYS A 136 -13.51 3.17 -2.57
CA CYS A 136 -12.81 2.30 -1.61
C CYS A 136 -13.63 2.14 -0.33
N LYS A 137 -13.70 0.92 0.18
CA LYS A 137 -14.56 0.57 1.32
C LYS A 137 -13.78 0.34 2.62
N GLY A 138 -12.48 0.60 2.61
CA GLY A 138 -11.62 0.27 3.74
C GLY A 138 -10.15 0.39 3.38
N GLN A 139 -9.37 1.05 4.24
CA GLN A 139 -8.04 1.55 3.87
C GLN A 139 -7.12 1.71 5.09
N THR A 140 -5.85 1.40 4.91
CA THR A 140 -4.85 1.74 5.89
C THR A 140 -4.52 3.21 5.71
N ALA A 141 -3.92 3.82 6.73
CA ALA A 141 -3.55 5.24 6.68
C ALA A 141 -2.38 5.52 5.73
N LEU A 142 -1.58 4.51 5.41
CA LEU A 142 -0.52 4.70 4.44
C LEU A 142 -1.09 4.90 3.04
N HIS A 143 -2.23 4.26 2.73
CA HIS A 143 -2.98 4.47 1.47
C HIS A 143 -3.48 5.92 1.33
N TRP A 144 -4.14 6.42 2.37
CA TRP A 144 -4.60 7.81 2.41
C TRP A 144 -3.46 8.77 2.09
N CYS A 145 -2.45 8.82 2.95
CA CYS A 145 -1.26 9.66 2.70
C CYS A 145 -0.85 9.70 1.24
N VAL A 146 -0.83 8.53 0.63
CA VAL A 146 -0.43 8.40 -0.75
C VAL A 146 -1.37 9.20 -1.66
N GLY A 147 -2.65 9.27 -1.31
CA GLY A 147 -3.62 10.03 -2.09
C GLY A 147 -3.70 11.52 -1.82
N LEU A 148 -3.24 11.95 -0.63
CA LEU A 148 -3.47 13.31 -0.17
C LEU A 148 -2.40 14.35 -0.59
N GLY A 149 -1.59 14.02 -1.58
CA GLY A 149 -0.63 14.99 -2.12
C GLY A 149 0.62 15.18 -1.26
N PRO A 150 1.47 16.14 -1.64
CA PRO A 150 2.78 16.33 -1.02
C PRO A 150 2.79 17.00 0.37
N GLU A 151 1.67 17.59 0.81
CA GLU A 151 1.61 18.09 2.19
C GLU A 151 1.86 16.92 3.17
N TYR A 152 1.58 15.69 2.73
CA TYR A 152 1.72 14.47 3.54
C TYR A 152 2.95 13.60 3.20
N LEU A 153 3.92 14.15 2.50
CA LEU A 153 5.15 13.39 2.20
C LEU A 153 5.96 13.09 3.47
N GLU A 154 6.08 14.08 4.35
CA GLU A 154 6.80 13.95 5.64
C GLU A 154 6.25 12.81 6.52
N ILE A 156 4.52 10.09 5.29
CA ILE A 156 4.87 8.85 4.59
C ILE A 156 6.23 8.36 5.07
N LYS A 157 7.21 9.26 5.12
CA LYS A 157 8.55 8.90 5.58
C LYS A 157 8.52 8.32 6.98
N ILE A 158 7.94 9.05 7.91
CA ILE A 158 7.86 8.60 9.30
C ILE A 158 7.07 7.29 9.45
N LEU A 159 5.95 7.15 8.74
CA LEU A 159 5.16 5.93 8.89
C LEU A 159 5.98 4.74 8.47
N VAL A 160 6.78 4.88 7.42
CA VAL A 160 7.49 3.75 6.84
C VAL A 160 8.70 3.35 7.69
N GLN A 161 9.37 4.34 8.29
CA GLN A 161 10.42 4.10 9.31
C GLN A 161 9.90 3.39 10.54
N LEU A 162 8.67 3.71 10.94
CA LEU A 162 8.06 3.16 12.15
C LEU A 162 7.67 1.70 12.00
N GLY A 163 7.47 1.25 10.76
CA GLY A 163 7.02 -0.12 10.51
C GLY A 163 5.73 -0.27 9.72
N ALA A 164 5.20 0.85 9.20
CA ALA A 164 4.06 0.82 8.27
C ALA A 164 4.49 0.21 6.96
N SER A 165 3.78 -0.81 6.48
CA SER A 165 4.23 -1.62 5.35
C SER A 165 3.79 -1.06 4.00
N PRO A 166 4.75 -0.82 3.08
CA PRO A 166 4.33 -0.34 1.76
C PRO A 166 3.53 -1.37 0.96
N THR A 167 3.34 -2.57 1.50
CA THR A 167 2.53 -3.59 0.86
C THR A 167 1.35 -4.01 1.72
N ALA A 168 0.91 -3.13 2.63
CA ALA A 168 -0.30 -3.39 3.42
C ALA A 168 -1.51 -3.52 2.49
N LYS A 169 -2.44 -4.42 2.80
CA LYS A 169 -3.61 -4.62 1.95
C LYS A 169 -4.80 -3.84 2.44
N ASP A 170 -5.43 -3.08 1.56
CA ASP A 170 -6.76 -2.53 1.83
C ASP A 170 -7.82 -3.63 1.63
N LYS A 171 -9.10 -3.28 1.71
CA LYS A 171 -10.18 -4.28 1.55
C LYS A 171 -10.55 -4.62 0.09
N ALA A 172 -9.77 -4.09 -0.87
CA ALA A 172 -9.85 -4.47 -2.28
C ALA A 172 -8.51 -5.12 -2.72
N ASP A 173 -7.77 -5.62 -1.73
CA ASP A 173 -6.47 -6.26 -1.91
C ASP A 173 -5.41 -5.47 -2.69
N GLU A 174 -5.44 -4.15 -2.54
CA GLU A 174 -4.43 -3.27 -3.13
C GLU A 174 -3.50 -2.75 -2.06
N THR A 175 -2.23 -2.61 -2.42
CA THR A 175 -1.20 -2.14 -1.50
C THR A 175 -0.94 -0.65 -1.68
N PRO A 176 -0.24 -0.01 -0.73
CA PRO A 176 0.05 1.40 -0.98
C PRO A 176 0.88 1.67 -2.23
N LEU A 177 1.80 0.77 -2.58
CA LEU A 177 2.57 0.94 -3.82
C LEU A 177 1.62 0.96 -4.99
N ARG A 179 -1.39 1.72 -5.02
CA ARG A 179 -2.14 2.97 -4.95
C ARG A 179 -1.39 4.17 -5.54
N ALA A 180 -0.08 4.23 -5.32
CA ALA A 180 0.74 5.35 -5.80
C ALA A 180 0.91 5.28 -7.32
N GLU A 182 -1.45 3.81 -9.28
CA GLU A 182 -2.76 4.20 -9.84
C GLU A 182 -2.89 5.71 -9.93
N PHE A 183 -2.66 6.42 -8.84
CA PHE A 183 -2.63 7.89 -8.87
C PHE A 183 -1.33 8.46 -9.45
N ARG A 184 -0.52 7.63 -10.11
CA ARG A 184 0.72 8.09 -10.72
C ARG A 184 1.42 9.16 -9.89
N ASN A 185 1.58 8.86 -8.61
CA ASN A 185 2.31 9.71 -7.68
C ASN A 185 3.70 9.15 -7.45
N ARG A 186 4.69 9.65 -8.19
CA ARG A 186 6.05 9.10 -8.09
C ARG A 186 6.78 9.45 -6.80
N GLU A 187 6.85 10.72 -6.42
CA GLU A 187 7.51 11.11 -5.17
C GLU A 187 7.18 10.21 -3.99
N ALA A 188 5.91 9.83 -3.89
CA ALA A 188 5.47 8.89 -2.86
C ALA A 188 6.08 7.51 -3.05
N LEU A 189 6.09 7.01 -4.27
CA LEU A 189 6.58 5.66 -4.55
C LEU A 189 8.07 5.47 -4.30
N ASP A 190 8.87 6.45 -4.70
CA ASP A 190 10.31 6.40 -4.47
C ASP A 190 10.60 6.47 -2.99
N LEU A 191 10.03 7.48 -2.34
CA LEU A 191 10.17 7.66 -0.91
C LEU A 191 9.87 6.36 -0.17
N ASP A 194 12.64 3.79 -0.94
CA ASP A 194 13.97 4.19 -0.49
C ASP A 194 14.04 4.38 1.03
N THR A 195 12.93 4.78 1.64
CA THR A 195 12.81 4.90 3.10
C THR A 195 12.67 3.56 3.79
N VAL A 196 12.08 2.58 3.10
CA VAL A 196 11.76 1.26 3.69
C VAL A 196 13.01 0.61 4.28
N PRO A 197 13.00 0.32 5.60
CA PRO A 197 14.23 -0.15 6.25
C PRO A 197 14.73 -1.46 5.64
N SER A 198 13.88 -2.47 5.56
CA SER A 198 14.30 -3.77 5.08
C SER A 198 14.53 -3.74 3.58
N LYS A 199 13.44 -3.79 2.80
CA LYS A 199 13.51 -4.09 1.37
C LYS A 199 13.34 -5.58 1.14
N SER A 200 13.32 -6.33 2.24
CA SER A 200 12.91 -7.71 2.27
C SER A 200 11.71 -7.84 3.22
N SER A 201 11.13 -6.69 3.58
CA SER A 201 9.90 -6.61 4.37
C SER A 201 8.68 -6.37 3.47
N LEU A 202 8.89 -6.29 2.16
CA LEU A 202 7.83 -6.05 1.22
C LEU A 202 7.29 -7.39 0.82
N ARG A 203 5.96 -7.49 0.68
CA ARG A 203 5.30 -8.70 0.23
C ARG A 203 4.94 -8.58 -1.23
N LEU A 204 5.93 -8.82 -2.09
CA LEU A 204 5.77 -8.67 -3.52
C LEU A 204 5.11 -9.89 -4.14
N ASP A 205 4.60 -10.77 -3.28
CA ASP A 205 3.77 -11.91 -3.69
C ASP A 205 2.28 -11.58 -3.62
N TYR A 206 1.93 -10.41 -3.07
CA TYR A 206 0.54 -9.96 -3.01
C TYR A 206 0.05 -9.52 -4.38
N ALA A 207 -1.17 -9.92 -4.74
CA ALA A 207 -1.76 -9.59 -6.03
C ALA A 207 -3.20 -9.09 -5.84
N ASN A 208 -3.64 -8.18 -6.69
CA ASN A 208 -4.93 -7.52 -6.51
C ASN A 208 -6.06 -8.45 -6.90
N LYS A 209 -7.29 -7.92 -6.90
CA LYS A 209 -8.47 -8.75 -7.14
C LYS A 209 -8.43 -9.50 -8.48
N GLN A 210 -7.69 -9.00 -9.47
CA GLN A 210 -7.54 -9.68 -10.77
C GLN A 210 -6.19 -10.40 -10.93
N GLY A 211 -5.50 -10.68 -9.82
CA GLY A 211 -4.21 -11.37 -9.87
C GLY A 211 -3.03 -10.55 -10.36
N ASN A 212 -3.19 -9.23 -10.51
CA ASN A 212 -2.07 -8.37 -10.92
C ASN A 212 -1.08 -8.18 -9.80
N SER A 213 0.19 -8.35 -10.13
CA SER A 213 1.28 -8.10 -9.22
C SER A 213 1.65 -6.64 -9.33
N HIS A 214 2.65 -6.21 -8.58
CA HIS A 214 3.17 -4.87 -8.72
C HIS A 214 3.88 -4.72 -10.08
N LEU A 215 4.54 -5.77 -10.51
CA LEU A 215 5.21 -5.80 -11.81
C LEU A 215 4.22 -5.75 -12.97
N HIS A 216 3.09 -6.45 -12.84
CA HIS A 216 2.02 -6.31 -13.80
C HIS A 216 1.56 -4.85 -13.91
N TRP A 217 1.27 -4.19 -12.80
CA TRP A 217 1.22 -2.72 -12.83
C TRP A 217 2.63 -2.28 -13.17
N ALA A 218 2.86 -1.01 -13.40
CA ALA A 218 4.21 -0.55 -13.75
C ALA A 218 4.42 -0.73 -15.22
N ILE A 219 4.35 -1.97 -15.71
CA ILE A 219 4.33 -2.22 -17.15
C ILE A 219 3.10 -1.57 -17.77
N LEU A 220 1.91 -1.87 -17.24
CA LEU A 220 0.65 -1.26 -17.69
C LEU A 220 0.64 0.25 -17.58
N ILE A 221 1.36 0.75 -16.57
CA ILE A 221 1.47 2.17 -16.27
C ILE A 221 2.54 2.85 -17.10
N ASN A 222 3.40 2.05 -17.71
CA ASN A 222 4.56 2.52 -18.46
C ASN A 222 5.64 3.17 -17.58
N TRP A 223 5.88 2.55 -16.45
CA TRP A 223 6.97 2.90 -15.56
C TRP A 223 8.05 1.83 -15.67
N GLU A 224 8.85 1.91 -16.74
CA GLU A 224 9.82 0.86 -17.05
C GLU A 224 10.92 0.73 -16.01
N ASP A 225 11.44 1.86 -15.54
CA ASP A 225 12.57 1.88 -14.59
C ASP A 225 12.21 1.42 -13.17
N VAL A 226 10.97 1.71 -12.75
CA VAL A 226 10.46 1.23 -11.48
C VAL A 226 10.22 -0.25 -11.57
N ALA A 227 9.86 -0.72 -12.76
CA ALA A 227 9.67 -2.15 -13.03
C ALA A 227 10.95 -2.97 -12.83
N ARG A 229 13.43 -2.15 -10.75
CA ARG A 229 13.70 -2.20 -9.32
C ARG A 229 12.94 -3.33 -8.65
N PHE A 230 11.76 -3.62 -9.18
CA PHE A 230 10.99 -4.74 -8.70
C PHE A 230 11.73 -6.06 -9.03
N VAL A 231 12.23 -6.18 -10.25
CA VAL A 231 12.96 -7.37 -10.66
C VAL A 231 14.21 -7.60 -9.78
N GLU A 232 14.94 -6.53 -9.53
CA GLU A 232 16.16 -6.58 -8.73
C GLU A 232 15.87 -6.66 -7.24
N GLY A 234 14.06 -9.13 -6.51
CA GLY A 234 13.71 -10.55 -6.58
C GLY A 234 12.22 -10.83 -6.53
N ILE A 235 11.43 -10.02 -7.21
CA ILE A 235 10.02 -10.31 -7.37
C ILE A 235 9.91 -11.51 -8.28
N ASP A 236 8.93 -12.35 -8.03
CA ASP A 236 8.73 -13.52 -8.87
C ASP A 236 8.22 -13.08 -10.24
N VAL A 237 8.90 -13.52 -11.30
CA VAL A 237 8.53 -13.11 -12.65
C VAL A 237 7.61 -14.13 -13.32
N ASN A 238 7.21 -15.15 -12.59
CA ASN A 238 6.37 -16.24 -13.12
C ASN A 238 4.95 -16.20 -12.55
N GLU A 240 1.24 -15.40 -12.67
CA GLU A 240 0.30 -15.25 -13.77
C GLU A 240 -0.97 -14.60 -13.24
N ASP A 241 -1.46 -13.59 -13.94
CA ASP A 241 -2.70 -12.93 -13.53
C ASP A 241 -3.87 -13.90 -13.72
N ASN A 242 -5.10 -13.42 -13.55
CA ASN A 242 -6.27 -14.28 -13.72
C ASN A 242 -6.45 -14.80 -15.15
N GLU A 243 -6.02 -14.02 -16.16
CA GLU A 243 -6.05 -14.45 -17.58
C GLU A 243 -4.82 -15.24 -18.03
N HIS A 244 -4.10 -15.86 -17.12
CA HIS A 244 -2.88 -16.59 -17.47
C HIS A 244 -1.75 -15.73 -18.06
N THR A 245 -1.74 -14.43 -17.75
CA THR A 245 -0.70 -13.54 -18.28
C THR A 245 0.50 -13.32 -17.35
N VAL A 246 1.69 -13.46 -17.91
CA VAL A 246 2.95 -13.38 -17.18
C VAL A 246 3.70 -12.12 -17.60
N PRO A 247 4.31 -11.39 -16.64
CA PRO A 247 4.95 -10.10 -16.96
C PRO A 247 5.75 -10.08 -18.28
N LEU A 248 6.47 -11.15 -18.59
CA LEU A 248 7.13 -11.27 -19.89
C LEU A 248 6.20 -10.85 -21.05
N TYR A 249 4.96 -11.38 -21.09
CA TYR A 249 4.00 -11.03 -22.15
C TYR A 249 3.67 -9.54 -22.11
N LEU A 250 3.43 -8.99 -20.94
CA LEU A 250 3.20 -7.56 -20.83
C LEU A 250 4.44 -6.73 -21.21
N SER A 251 5.62 -7.24 -20.93
CA SER A 251 6.83 -6.52 -21.27
C SER A 251 7.01 -6.43 -22.75
N VAL A 252 6.81 -7.55 -23.42
CA VAL A 252 6.81 -7.61 -24.88
C VAL A 252 5.80 -6.61 -25.40
N ARG A 253 4.54 -6.75 -24.96
CA ARG A 253 3.43 -5.90 -25.38
C ARG A 253 3.61 -4.41 -25.07
N ALA A 254 4.35 -4.09 -24.02
CA ALA A 254 4.63 -2.70 -23.69
C ALA A 254 5.81 -2.14 -24.48
N ALA A 255 6.36 -2.93 -25.41
CA ALA A 255 7.66 -2.67 -26.03
C ALA A 255 8.70 -2.84 -24.91
N VAL A 257 12.37 -2.54 -23.98
CA VAL A 257 13.39 -3.45 -24.50
C VAL A 257 14.27 -4.01 -23.39
N LEU A 258 14.82 -3.12 -22.56
CA LEU A 258 15.70 -3.53 -21.44
C LEU A 258 15.03 -4.50 -20.45
N LEU A 259 13.81 -4.22 -20.02
CA LEU A 259 13.06 -5.13 -19.16
C LEU A 259 12.90 -6.49 -19.83
N THR A 260 12.57 -6.49 -21.12
CA THR A 260 12.38 -7.73 -21.85
C THR A 260 13.64 -8.61 -21.95
N LYS A 261 14.81 -7.99 -22.14
CA LYS A 261 16.07 -8.76 -22.16
C LYS A 261 16.23 -9.50 -20.83
N GLU A 262 15.75 -8.86 -19.75
CA GLU A 262 15.86 -9.39 -18.39
C GLU A 262 14.75 -10.38 -18.04
N LEU A 263 13.60 -10.26 -18.68
CA LEU A 263 12.52 -11.20 -18.39
C LEU A 263 12.66 -12.53 -19.15
N LEU A 264 13.16 -12.49 -20.38
CA LEU A 264 13.64 -13.69 -21.05
C LEU A 264 14.69 -14.41 -20.17
N GLN A 265 15.71 -13.69 -19.74
CA GLN A 265 16.70 -14.30 -18.85
C GLN A 265 16.07 -15.12 -17.71
N LYS A 266 15.11 -14.53 -16.99
CA LYS A 266 14.62 -15.06 -15.70
C LYS A 266 13.34 -15.87 -15.78
N THR A 267 12.59 -15.73 -16.87
CA THR A 267 11.32 -16.42 -16.96
C THR A 267 11.54 -17.89 -17.21
N ASP A 268 10.80 -18.71 -16.48
CA ASP A 268 10.84 -20.16 -16.60
C ASP A 268 10.53 -20.51 -18.04
N VAL A 269 11.06 -21.66 -18.49
CA VAL A 269 11.07 -22.02 -19.90
C VAL A 269 9.72 -22.51 -20.40
N PHE A 270 9.04 -23.26 -19.55
CA PHE A 270 7.69 -23.69 -19.83
C PHE A 270 6.81 -22.53 -20.30
N LEU A 271 6.95 -21.35 -19.71
CA LEU A 271 6.08 -20.21 -20.04
C LEU A 271 6.39 -19.57 -21.39
N ILE A 272 7.66 -19.58 -21.78
CA ILE A 272 8.03 -19.14 -23.12
C ILE A 272 7.45 -20.06 -24.18
N GLN A 273 7.59 -21.37 -24.00
CA GLN A 273 7.02 -22.33 -24.96
C GLN A 273 5.50 -22.20 -25.11
N ALA A 274 4.81 -21.81 -24.05
CA ALA A 274 3.35 -21.65 -24.07
C ALA A 274 2.90 -20.22 -24.39
N CYS A 275 3.85 -19.37 -24.77
CA CYS A 275 3.54 -17.98 -25.13
C CYS A 275 2.67 -17.96 -26.38
N PRO A 276 1.63 -17.09 -26.40
CA PRO A 276 0.72 -17.17 -27.54
C PRO A 276 1.06 -16.21 -28.70
N TYR A 277 2.24 -15.57 -28.66
CA TYR A 277 2.68 -14.72 -29.77
C TYR A 277 3.54 -15.46 -30.78
N HIS A 278 3.64 -16.77 -30.64
CA HIS A 278 4.30 -17.59 -31.65
C HIS A 278 3.52 -18.89 -31.86
N ASN A 279 3.82 -19.56 -32.96
CA ASN A 279 3.11 -20.79 -33.33
C ASN A 279 3.92 -22.05 -33.05
N GLY A 280 4.67 -22.04 -31.97
CA GLY A 280 5.64 -23.10 -31.68
C GLY A 280 7.01 -22.90 -32.34
N THR A 281 7.15 -21.90 -33.19
CA THR A 281 8.35 -21.79 -33.99
C THR A 281 8.67 -20.40 -34.53
N THR A 282 7.68 -19.69 -35.06
CA THR A 282 7.89 -18.33 -35.53
C THR A 282 7.08 -17.35 -34.70
N VAL A 283 7.65 -16.18 -34.46
CA VAL A 283 6.91 -15.10 -33.81
C VAL A 283 6.01 -14.41 -34.84
N LEU A 284 4.75 -14.18 -34.47
CA LEU A 284 3.75 -13.58 -35.38
C LEU A 284 3.30 -12.23 -34.82
N PRO A 285 3.82 -11.12 -35.38
CA PRO A 285 3.53 -9.81 -34.81
C PRO A 285 2.05 -9.40 -34.80
N ASP A 286 1.25 -9.97 -35.72
CA ASP A 286 -0.20 -9.73 -35.74
C ASP A 286 -0.88 -10.27 -34.50
N ARG A 287 -0.31 -11.30 -33.88
CA ARG A 287 -0.84 -11.81 -32.63
C ARG A 287 -0.57 -10.89 -31.43
N VAL A 288 0.11 -9.76 -31.64
CA VAL A 288 0.46 -8.89 -30.52
C VAL A 288 -0.51 -7.70 -30.40
N VAL A 289 -1.06 -7.53 -29.20
CA VAL A 289 -1.97 -6.44 -28.87
C VAL A 289 -1.19 -5.40 -28.07
N TRP A 290 -0.42 -4.58 -28.78
CA TRP A 290 0.40 -3.54 -28.14
C TRP A 290 -0.40 -2.66 -27.21
N LEU A 291 0.21 -2.22 -26.11
CA LEU A 291 -0.48 -1.33 -25.15
C LEU A 291 -0.56 0.10 -25.67
N ASP A 292 -1.44 0.90 -25.09
CA ASP A 292 -1.89 2.16 -25.71
C ASP A 292 -0.85 3.27 -25.78
N PHE A 293 -0.03 3.39 -24.74
CA PHE A 293 1.15 4.26 -24.72
C PHE A 293 2.25 3.82 -25.71
N VAL A 294 2.06 2.70 -26.42
CA VAL A 294 2.98 2.24 -27.48
C VAL A 294 2.47 2.74 -28.83
N PRO A 295 3.33 3.36 -29.65
CA PRO A 295 2.87 3.91 -30.94
C PRO A 295 2.31 2.87 -31.89
N ALA A 296 1.17 3.20 -32.50
CA ALA A 296 0.49 2.29 -33.43
C ALA A 296 1.19 2.16 -34.77
N ALA A 297 2.04 3.13 -35.12
CA ALA A 297 2.81 3.10 -36.35
C ALA A 297 4.02 2.18 -36.20
N ALA A 298 5.11 2.47 -36.91
CA ALA A 298 6.33 1.67 -36.78
C ALA A 298 7.22 2.26 -35.68
N ASP A 299 8.12 1.43 -35.15
CA ASP A 299 8.96 1.81 -34.02
C ASP A 299 10.04 0.76 -33.88
N PRO A 300 11.29 1.17 -33.64
CA PRO A 300 12.31 0.14 -33.53
C PRO A 300 12.14 -0.77 -32.34
N SER A 301 11.51 -0.29 -31.27
CA SER A 301 11.22 -1.11 -30.09
C SER A 301 10.20 -2.19 -30.36
N LYS A 302 9.29 -1.93 -31.29
CA LYS A 302 8.32 -2.94 -31.68
C LYS A 302 9.08 -4.03 -32.42
N GLN A 303 9.92 -3.62 -33.35
CA GLN A 303 10.77 -4.57 -34.07
C GLN A 303 11.62 -5.37 -33.07
N GLU A 304 12.41 -4.63 -32.29
CA GLU A 304 13.40 -5.19 -31.36
C GLU A 304 12.86 -6.27 -30.42
N VAL A 305 11.86 -5.95 -29.60
CA VAL A 305 11.33 -6.93 -28.62
C VAL A 305 10.91 -8.28 -29.24
N LEU A 306 10.45 -8.24 -30.49
CA LEU A 306 9.99 -9.44 -31.19
C LEU A 306 11.13 -10.17 -31.82
N GLN A 307 12.18 -9.43 -32.16
CA GLN A 307 13.41 -10.07 -32.61
C GLN A 307 14.08 -10.81 -31.42
N LEU A 308 14.07 -10.21 -30.23
CA LEU A 308 14.58 -10.82 -29.00
C LEU A 308 13.80 -12.06 -28.63
N LEU A 309 12.48 -11.97 -28.71
CA LEU A 309 11.63 -13.11 -28.46
C LEU A 309 11.88 -14.24 -29.46
N GLN A 310 12.26 -13.90 -30.69
CA GLN A 310 12.60 -14.93 -31.67
C GLN A 310 13.90 -15.63 -31.31
N GLU A 311 14.93 -14.85 -31.00
CA GLU A 311 16.21 -15.37 -30.48
C GLU A 311 16.01 -16.35 -29.33
N LYS A 312 15.25 -15.96 -28.31
CA LYS A 312 15.06 -16.84 -27.16
C LYS A 312 14.23 -18.07 -27.48
N LEU A 313 13.25 -17.92 -28.35
CA LEU A 313 12.46 -19.06 -28.78
C LEU A 313 13.33 -20.10 -29.51
N ASP A 314 14.21 -19.62 -30.39
CA ASP A 314 15.12 -20.51 -31.09
C ASP A 314 16.06 -21.23 -30.13
N GLU A 315 16.58 -20.51 -29.15
CA GLU A 315 17.42 -21.12 -28.09
C GLU A 315 16.68 -22.23 -27.35
N VAL A 316 15.47 -21.92 -26.88
CA VAL A 316 14.71 -22.88 -26.08
C VAL A 316 14.25 -24.08 -26.90
N VAL A 317 13.78 -23.82 -28.13
CA VAL A 317 13.27 -24.86 -28.98
C VAL A 317 14.30 -25.97 -29.22
N ARG A 318 15.59 -25.62 -29.20
CA ARG A 318 16.67 -26.58 -29.47
C ARG A 318 16.83 -27.70 -28.45
N SER A 319 16.31 -27.55 -27.24
CA SER A 319 16.51 -28.54 -26.17
C SER A 319 15.43 -29.62 -26.18
#